data_7QSS
#
_entry.id   7QSS
#
_cell.length_a   48.800
_cell.length_b   96.180
_cell.length_c   96.780
_cell.angle_alpha   90.000
_cell.angle_beta   90.000
_cell.angle_gamma   90.000
#
_symmetry.space_group_name_H-M   'P 21 21 21'
#
loop_
_entity.id
_entity.type
_entity.pdbx_description
1 polymer 'V-type ATP synthase alpha chain'
2 non-polymer 'FORMIC ACID'
3 water water
#
_entity_poly.entity_id   1
_entity_poly.type   'polypeptide(L)'
_entity_poly.pdbx_seq_one_letter_code
;SGKAVDGNTLVLTEEFGLVKIKELYEKLDGKGRKTVEGNEEWTELETPVTVYGYRNGRIVGIKATHIYKGISSGMIEIRT
RTGRKIKVTPIHKLFTGRVTKDGLALEEVMAMHIKPGDRIAVVKKIDGGEYVKLTTSPDFRKSRKIKVPEVLDEDLAEFL
GYLIADGTLKPRTVAIYNNDESLLKRANFLSTKLFGINGKIVQERTVKALLIHSKPLVDFFRKLGIPESKKARNWKVPRE
LLLSPPSVVKAFINAYIVCDGYYHERKGEIEITTASEEGAYGLSYLLAKLGIYATFRKKQIKGKEYYRIAISGKTNLEKL
GIKRETRGYTNIDIVPVEVESIYNALGRPYSELKGEGIEIHNYLNGENMTYETFRKFAKLVGLEEVAENHLKHILFDEVV
EVKYIPEPQEVYDITTETHNFVGGNMPTLLHN
;
_entity_poly.pdbx_strand_id   A
#
# COMPACT_ATOMS: atom_id res chain seq x y z
N SER A 1 27.29 10.41 4.79
CA SER A 1 26.25 11.32 4.34
C SER A 1 25.28 11.65 5.47
N GLY A 2 24.06 12.00 5.06
CA GLY A 2 22.99 12.31 5.97
C GLY A 2 21.93 11.23 5.97
N LYS A 3 20.81 11.54 6.61
CA LYS A 3 19.66 10.64 6.68
C LYS A 3 18.86 10.72 5.38
N ALA A 4 18.66 9.59 4.71
CA ALA A 4 18.05 9.62 3.39
C ALA A 4 17.82 8.20 2.88
N VAL A 5 17.15 8.11 1.74
CA VAL A 5 16.77 6.80 1.21
C VAL A 5 17.19 6.68 -0.24
N ASP A 6 17.23 5.43 -0.71
CA ASP A 6 17.57 5.11 -2.08
C ASP A 6 16.56 5.75 -3.03
N GLY A 7 17.04 6.15 -4.23
CA GLY A 7 16.14 6.80 -5.16
C GLY A 7 14.97 5.98 -5.63
N ASN A 8 15.07 4.64 -5.58
CA ASN A 8 13.93 3.83 -6.00
C ASN A 8 12.86 3.69 -4.93
N THR A 9 13.09 4.23 -3.74
CA THR A 9 12.09 4.18 -2.66
C THR A 9 10.81 4.89 -3.07
N LEU A 10 9.68 4.17 -3.07
CA LEU A 10 8.43 4.83 -3.40
C LEU A 10 7.97 5.75 -2.28
N VAL A 11 7.26 6.80 -2.67
CA VAL A 11 6.61 7.71 -1.73
C VAL A 11 5.19 8.01 -2.21
N LEU A 12 4.22 7.94 -1.29
CA LEU A 12 2.84 8.24 -1.67
C LEU A 12 2.60 9.75 -1.57
N THR A 13 2.27 10.36 -2.69
CA THR A 13 1.97 11.79 -2.73
C THR A 13 0.58 12.01 -3.27
N GLU A 14 -0.05 13.10 -2.85
CA GLU A 14 -1.35 13.44 -3.42
C GLU A 14 -1.20 13.96 -4.84
N GLU A 15 -0.20 14.81 -5.09
CA GLU A 15 -0.09 15.49 -6.38
C GLU A 15 0.33 14.54 -7.49
N PHE A 16 1.11 13.51 -7.17
CA PHE A 16 1.70 12.66 -8.20
C PHE A 16 1.40 11.19 -8.00
N GLY A 17 0.65 10.83 -6.98
CA GLY A 17 0.43 9.43 -6.71
C GLY A 17 1.65 8.79 -6.09
N LEU A 18 1.77 7.50 -6.35
CA LEU A 18 2.86 6.70 -5.78
C LEU A 18 4.04 6.78 -6.74
N VAL A 19 5.11 7.45 -6.35
CA VAL A 19 6.22 7.69 -7.26
C VAL A 19 7.54 7.37 -6.57
N LYS A 20 8.54 6.98 -7.36
CA LYS A 20 9.88 6.84 -6.77
C LYS A 20 10.36 8.20 -6.29
N ILE A 21 11.04 8.22 -5.15
CA ILE A 21 11.51 9.51 -4.64
C ILE A 21 12.49 10.20 -5.61
N LYS A 22 13.26 9.44 -6.38
CA LYS A 22 14.11 10.09 -7.39
C LYS A 22 13.27 10.75 -8.47
N GLU A 23 12.13 10.14 -8.81
CA GLU A 23 11.24 10.74 -9.81
C GLU A 23 10.61 12.00 -9.24
N LEU A 24 10.25 11.96 -7.95
CA LEU A 24 9.71 13.14 -7.31
C LEU A 24 10.74 14.23 -7.33
N TYR A 25 11.99 13.87 -7.02
CA TYR A 25 13.06 14.86 -7.06
C TYR A 25 13.18 15.47 -8.47
N GLU A 26 13.15 14.62 -9.50
CA GLU A 26 13.31 15.16 -10.85
C GLU A 26 12.18 16.11 -11.20
N LYS A 27 10.98 15.86 -10.70
CA LYS A 27 9.85 16.76 -10.93
C LYS A 27 10.00 18.07 -10.18
N LEU A 28 10.60 18.06 -9.01
CA LEU A 28 10.54 19.22 -8.13
C LEU A 28 11.84 19.99 -8.12
N ASP A 29 12.93 19.40 -8.59
CA ASP A 29 14.22 20.09 -8.56
C ASP A 29 14.12 21.39 -9.35
N GLY A 30 14.62 22.48 -8.74
CA GLY A 30 14.53 23.77 -9.33
C GLY A 30 13.32 24.58 -8.94
N LYS A 31 12.30 23.92 -8.37
CA LYS A 31 11.04 24.59 -8.04
C LYS A 31 11.06 25.12 -6.60
N GLY A 32 12.10 25.87 -6.30
CA GLY A 32 12.32 26.48 -5.00
C GLY A 32 13.79 26.76 -4.82
N ARG A 33 14.08 27.63 -3.86
CA ARG A 33 15.47 27.98 -3.58
C ARG A 33 16.26 26.77 -3.05
N LYS A 34 17.40 26.49 -3.68
CA LYS A 34 18.26 25.38 -3.26
C LYS A 34 19.48 25.90 -2.51
N THR A 35 19.80 25.26 -1.39
CA THR A 35 21.03 25.48 -0.62
C THR A 35 21.92 24.26 -0.80
N VAL A 36 23.18 24.46 -1.17
CA VAL A 36 24.09 23.35 -1.42
C VAL A 36 25.24 23.44 -0.42
N GLU A 37 25.56 22.31 0.23
CA GLU A 37 26.72 22.25 1.12
C GLU A 37 27.44 20.95 0.85
N GLY A 38 28.46 21.01 -0.02
CA GLY A 38 29.20 19.80 -0.36
C GLY A 38 28.30 18.72 -0.95
N ASN A 39 28.25 17.57 -0.27
CA ASN A 39 27.52 16.42 -0.81
C ASN A 39 26.06 16.42 -0.43
N GLU A 40 25.52 17.56 0.02
CA GLU A 40 24.14 17.66 0.45
C GLU A 40 23.51 18.91 -0.15
N GLU A 41 22.25 18.80 -0.56
CA GLU A 41 21.51 19.97 -0.99
C GLU A 41 20.06 19.87 -0.55
N TRP A 42 19.48 21.03 -0.25
CA TRP A 42 18.10 21.11 0.21
C TRP A 42 17.39 22.12 -0.64
N THR A 43 16.20 21.77 -1.11
CA THR A 43 15.34 22.70 -1.81
C THR A 43 14.14 23.00 -0.92
N GLU A 44 13.89 24.28 -0.70
CA GLU A 44 12.68 24.74 -0.04
C GLU A 44 11.63 24.94 -1.12
N LEU A 45 10.62 24.08 -1.13
CA LEU A 45 9.67 24.06 -2.24
C LEU A 45 8.84 25.34 -2.29
N GLU A 46 8.75 25.94 -3.50
CA GLU A 46 7.85 27.07 -3.68
C GLU A 46 6.42 26.67 -3.36
N THR A 47 6.04 25.46 -3.75
CA THR A 47 4.71 24.90 -3.50
C THR A 47 4.86 23.55 -2.79
N PRO A 48 4.66 23.50 -1.47
CA PRO A 48 4.73 22.21 -0.77
C PRO A 48 3.79 21.17 -1.39
N VAL A 49 4.25 19.92 -1.39
CA VAL A 49 3.43 18.80 -1.85
C VAL A 49 2.92 18.05 -0.63
N THR A 50 1.93 17.19 -0.84
CA THR A 50 1.30 16.47 0.25
C THR A 50 1.71 15.02 0.23
N VAL A 51 2.21 14.52 1.35
CA VAL A 51 2.58 13.11 1.50
C VAL A 51 1.73 12.60 2.66
N TYR A 52 2.03 11.43 3.18
CA TYR A 52 1.26 10.90 4.30
C TYR A 52 2.20 10.63 5.47
N GLY A 53 1.70 10.84 6.68
CA GLY A 53 2.53 10.64 7.85
C GLY A 53 1.69 10.11 8.99
N TYR A 54 2.37 9.81 10.08
CA TYR A 54 1.74 9.20 11.25
C TYR A 54 1.67 10.22 12.38
N ARG A 55 0.46 10.45 12.88
CA ARG A 55 0.26 11.38 13.97
C ARG A 55 -0.99 10.98 14.73
N ASN A 56 -0.87 10.95 16.07
CA ASN A 56 -1.98 10.63 16.95
CA ASN A 56 -1.98 10.63 16.95
C ASN A 56 -2.63 9.30 16.57
N GLY A 57 -1.80 8.34 16.19
CA GLY A 57 -2.28 7.00 15.87
C GLY A 57 -2.93 6.86 14.53
N ARG A 58 -2.94 7.90 13.69
CA ARG A 58 -3.57 7.83 12.38
CA ARG A 58 -3.58 7.87 12.38
C ARG A 58 -2.57 8.18 11.28
N ILE A 59 -2.91 7.81 10.04
CA ILE A 59 -2.05 8.04 8.87
C ILE A 59 -2.83 8.95 7.94
N VAL A 60 -2.43 10.24 7.87
CA VAL A 60 -3.17 11.26 7.12
C VAL A 60 -2.20 12.08 6.29
N GLY A 61 -2.77 12.89 5.40
CA GLY A 61 -1.99 13.76 4.54
C GLY A 61 -1.31 14.87 5.32
N ILE A 62 -0.04 15.13 4.98
CA ILE A 62 0.73 16.17 5.64
C ILE A 62 1.60 16.83 4.59
N LYS A 63 1.93 18.11 4.80
CA LYS A 63 2.74 18.80 3.81
C LYS A 63 4.23 18.43 3.90
N ALA A 64 4.84 18.26 2.74
CA ALA A 64 6.28 18.11 2.60
C ALA A 64 6.80 19.44 2.08
N THR A 65 7.63 20.10 2.89
CA THR A 65 8.08 21.47 2.61
C THR A 65 9.44 21.56 1.93
N HIS A 66 10.26 20.52 2.02
CA HIS A 66 11.63 20.52 1.51
C HIS A 66 11.93 19.17 0.90
N ILE A 67 12.77 19.18 -0.11
CA ILE A 67 13.33 17.95 -0.64
C ILE A 67 14.84 18.03 -0.60
N TYR A 68 15.46 16.88 -0.35
CA TYR A 68 16.88 16.77 -0.11
C TYR A 68 17.49 15.77 -1.07
N LYS A 69 18.70 16.09 -1.55
CA LYS A 69 19.51 15.10 -2.21
C LYS A 69 20.86 15.08 -1.52
N GLY A 70 21.39 13.87 -1.28
CA GLY A 70 22.72 13.72 -0.74
C GLY A 70 23.49 12.67 -1.51
N ILE A 71 24.78 12.57 -1.20
CA ILE A 71 25.61 11.51 -1.75
C ILE A 71 26.14 10.71 -0.58
N SER A 72 25.87 9.41 -0.57
CA SER A 72 26.23 8.54 0.54
C SER A 72 27.29 7.54 0.10
N SER A 73 28.26 7.24 0.98
CA SER A 73 29.31 6.30 0.63
C SER A 73 28.86 4.85 0.73
N GLY A 74 27.73 4.58 1.37
CA GLY A 74 27.24 3.23 1.48
C GLY A 74 25.79 3.26 1.92
N MET A 75 25.16 2.08 1.91
CA MET A 75 23.76 1.96 2.27
C MET A 75 23.52 0.71 3.11
N ILE A 76 22.36 0.70 3.77
CA ILE A 76 21.87 -0.50 4.46
C ILE A 76 20.57 -0.93 3.78
N GLU A 77 20.50 -2.21 3.46
CA GLU A 77 19.29 -2.79 2.88
C GLU A 77 18.61 -3.66 3.93
N ILE A 78 17.31 -3.42 4.15
CA ILE A 78 16.54 -4.08 5.19
C ILE A 78 15.42 -4.85 4.51
N ARG A 79 15.32 -6.16 4.78
CA ARG A 79 14.22 -6.97 4.25
C ARG A 79 13.36 -7.46 5.38
N THR A 80 12.05 -7.48 5.17
CA THR A 80 11.14 -7.91 6.20
C THR A 80 10.33 -9.12 5.76
N ARG A 81 9.67 -9.70 6.74
CA ARG A 81 8.87 -10.91 6.52
C ARG A 81 7.73 -10.67 5.54
N THR A 82 7.13 -9.48 5.55
CA THR A 82 6.09 -9.21 4.56
C THR A 82 6.61 -9.07 3.14
N GLY A 83 7.94 -8.91 2.93
CA GLY A 83 8.46 -8.67 1.62
C GLY A 83 8.82 -7.25 1.34
N ARG A 84 8.83 -6.39 2.36
CA ARG A 84 9.41 -5.05 2.19
C ARG A 84 10.91 -5.17 2.04
N LYS A 85 11.45 -4.34 1.19
CA LYS A 85 12.90 -4.23 1.01
C LYS A 85 13.18 -2.74 0.93
N ILE A 86 13.84 -2.22 1.95
CA ILE A 86 14.06 -0.80 2.10
C ILE A 86 15.56 -0.57 2.07
N LYS A 87 16.01 0.39 1.27
CA LYS A 87 17.44 0.65 1.16
C LYS A 87 17.70 2.10 1.54
N VAL A 88 18.49 2.32 2.60
CA VAL A 88 18.55 3.64 3.23
C VAL A 88 19.99 3.89 3.67
N THR A 89 20.28 5.13 4.03
CA THR A 89 21.63 5.41 4.52
C THR A 89 21.82 4.84 5.92
N PRO A 90 23.06 4.62 6.35
CA PRO A 90 23.24 3.96 7.65
C PRO A 90 22.62 4.72 8.82
N ILE A 91 22.59 6.06 8.79
CA ILE A 91 21.98 6.79 9.92
C ILE A 91 20.49 7.08 9.74
N HIS A 92 19.89 6.75 8.59
CA HIS A 92 18.45 6.91 8.43
C HIS A 92 17.73 6.12 9.51
N LYS A 93 16.61 6.65 9.99
CA LYS A 93 15.92 6.03 11.11
C LYS A 93 14.66 5.33 10.66
N LEU A 94 14.47 4.14 11.17
CA LEU A 94 13.17 3.48 11.19
C LEU A 94 12.63 3.52 12.60
N PHE A 95 11.44 2.95 12.82
CA PHE A 95 10.79 2.97 14.12
C PHE A 95 10.54 1.55 14.61
N THR A 96 10.86 1.30 15.87
CA THR A 96 10.37 0.12 16.58
C THR A 96 9.33 0.58 17.57
N GLY A 97 8.61 -0.38 18.16
CA GLY A 97 7.50 -0.02 19.03
C GLY A 97 7.50 -0.86 20.30
N ARG A 98 6.82 -0.32 21.32
CA ARG A 98 6.58 -1.03 22.56
C ARG A 98 5.24 -0.55 23.08
N VAL A 99 4.34 -1.48 23.39
CA VAL A 99 3.09 -1.14 24.06
C VAL A 99 3.32 -1.35 25.54
N THR A 100 3.11 -0.31 26.32
CA THR A 100 3.21 -0.39 27.77
C THR A 100 1.91 0.05 28.40
N LYS A 101 1.91 0.16 29.74
CA LYS A 101 0.73 0.67 30.43
C LYS A 101 0.37 2.04 29.92
N ASP A 102 1.30 2.75 29.29
CA ASP A 102 1.06 4.12 28.88
C ASP A 102 0.74 4.26 27.40
N GLY A 103 0.55 3.16 26.70
CA GLY A 103 0.19 3.21 25.30
C GLY A 103 1.32 2.72 24.41
N LEU A 104 1.28 3.17 23.16
CA LEU A 104 2.27 2.79 22.17
C LEU A 104 3.28 3.92 21.99
N ALA A 105 4.54 3.62 22.24
CA ALA A 105 5.65 4.53 21.99
C ALA A 105 6.45 4.02 20.80
N LEU A 106 6.71 4.89 19.81
CA LEU A 106 7.59 4.54 18.71
C LEU A 106 8.98 5.04 19.03
N GLU A 107 9.97 4.20 18.82
CA GLU A 107 11.35 4.57 19.08
C GLU A 107 12.13 4.61 17.78
N GLU A 108 12.93 5.66 17.59
CA GLU A 108 13.76 5.78 16.40
C GLU A 108 14.97 4.86 16.55
N VAL A 109 15.27 4.10 15.49
CA VAL A 109 16.44 3.23 15.45
C VAL A 109 17.13 3.42 14.11
N MET A 110 18.41 3.78 14.15
CA MET A 110 19.16 3.98 12.93
C MET A 110 19.33 2.65 12.21
N ALA A 111 19.32 2.71 10.87
CA ALA A 111 19.40 1.46 10.10
C ALA A 111 20.65 0.64 10.43
N MET A 112 21.77 1.31 10.77
CA MET A 112 23.03 0.64 11.10
C MET A 112 22.90 -0.24 12.34
N HIS A 113 21.89 0.00 13.15
CA HIS A 113 21.68 -0.74 14.38
C HIS A 113 20.52 -1.72 14.28
N ILE A 114 19.82 -1.76 13.14
CA ILE A 114 18.76 -2.75 12.97
C ILE A 114 19.39 -4.13 12.80
N LYS A 115 18.74 -5.15 13.39
CA LYS A 115 19.19 -6.53 13.34
C LYS A 115 18.02 -7.44 13.00
N PRO A 116 18.28 -8.61 12.39
CA PRO A 116 17.21 -9.57 12.19
C PRO A 116 16.51 -9.87 13.50
N GLY A 117 15.18 -9.93 13.44
CA GLY A 117 14.37 -10.16 14.61
C GLY A 117 13.75 -8.89 15.16
N ASP A 118 14.35 -7.73 14.89
CA ASP A 118 13.70 -6.48 15.20
C ASP A 118 12.39 -6.41 14.43
N ARG A 119 11.45 -5.62 14.95
CA ARG A 119 10.19 -5.41 14.22
C ARG A 119 10.00 -3.92 13.96
N ILE A 120 9.91 -3.52 12.69
CA ILE A 120 9.84 -2.10 12.35
C ILE A 120 8.41 -1.71 12.01
N ALA A 121 8.09 -0.43 12.25
CA ALA A 121 6.75 0.09 12.00
C ALA A 121 6.47 0.21 10.50
N VAL A 122 5.44 -0.51 10.06
CA VAL A 122 4.94 -0.39 8.70
C VAL A 122 3.45 -0.07 8.80
N VAL A 123 2.85 0.31 7.67
CA VAL A 123 1.51 0.88 7.63
C VAL A 123 0.53 -0.13 7.07
N LYS A 124 -0.45 -0.52 7.87
CA LYS A 124 -1.52 -1.36 7.35
C LYS A 124 -2.82 -0.61 7.16
N LYS A 125 -2.88 0.68 7.46
CA LYS A 125 -4.06 1.47 7.12
C LYS A 125 -3.69 2.89 6.75
N ILE A 126 -4.16 3.36 5.59
CA ILE A 126 -3.94 4.73 5.13
C ILE A 126 -5.29 5.42 5.13
N ASP A 127 -5.44 6.50 5.89
CA ASP A 127 -6.71 7.21 5.98
C ASP A 127 -6.84 8.19 4.81
N GLY A 128 -7.92 8.94 4.84
CA GLY A 128 -8.15 9.95 3.84
C GLY A 128 -8.84 9.44 2.59
N GLY A 129 -8.92 10.34 1.64
CA GLY A 129 -9.60 10.01 0.40
C GLY A 129 -10.75 10.96 0.18
N GLU A 130 -10.90 11.37 -1.07
CA GLU A 130 -12.03 12.18 -1.51
C GLU A 130 -12.34 11.72 -2.91
N TYR A 131 -13.55 12.00 -3.37
CA TYR A 131 -13.90 11.67 -4.73
C TYR A 131 -13.11 12.56 -5.68
N VAL A 132 -12.28 11.95 -6.51
CA VAL A 132 -11.29 12.65 -7.31
C VAL A 132 -11.94 13.11 -8.61
N LYS A 133 -11.82 14.40 -8.91
CA LYS A 133 -12.27 14.88 -10.22
C LYS A 133 -11.18 14.59 -11.25
N LEU A 134 -11.55 13.94 -12.34
CA LEU A 134 -10.56 13.55 -13.34
C LEU A 134 -10.01 14.80 -14.01
N THR A 135 -8.69 14.87 -14.16
CA THR A 135 -8.10 16.12 -14.56
C THR A 135 -8.29 16.32 -16.06
N THR A 136 -8.50 17.57 -16.44
CA THR A 136 -8.85 17.96 -17.79
C THR A 136 -7.77 18.88 -18.35
N SER A 137 -7.74 18.99 -19.66
CA SER A 137 -6.90 20.05 -20.19
C SER A 137 -7.55 21.40 -19.95
N PRO A 138 -6.76 22.43 -19.61
CA PRO A 138 -7.29 23.80 -19.67
C PRO A 138 -7.37 24.33 -21.10
N ASP A 139 -7.04 23.45 -22.06
CA ASP A 139 -6.82 23.72 -23.48
C ASP A 139 -8.08 23.55 -24.31
N PHE A 140 -8.18 22.31 -24.76
CA PHE A 140 -9.01 21.75 -25.81
C PHE A 140 -9.05 20.25 -25.55
N ARG A 141 -9.57 19.85 -24.37
CA ARG A 141 -9.76 18.45 -24.00
C ARG A 141 -11.18 18.05 -24.41
N LYS A 142 -11.76 17.03 -23.76
CA LYS A 142 -13.16 16.68 -23.94
C LYS A 142 -13.41 16.04 -25.31
N SER A 143 -13.51 14.73 -25.36
CA SER A 143 -14.20 14.14 -26.50
C SER A 143 -15.66 14.56 -26.42
N ARG A 144 -16.23 14.91 -27.57
CA ARG A 144 -17.66 15.11 -27.67
C ARG A 144 -18.35 13.91 -28.31
N LYS A 145 -17.59 12.91 -28.78
CA LYS A 145 -18.20 11.72 -29.37
C LYS A 145 -18.67 10.73 -28.32
N ILE A 146 -18.04 10.71 -27.16
CA ILE A 146 -18.47 9.90 -26.03
C ILE A 146 -18.71 10.81 -24.83
N LYS A 147 -19.30 10.22 -23.80
CA LYS A 147 -19.43 10.86 -22.50
C LYS A 147 -18.20 10.54 -21.69
N VAL A 148 -17.58 11.57 -21.12
CA VAL A 148 -16.35 11.39 -20.37
C VAL A 148 -16.69 11.54 -18.89
N PRO A 149 -16.50 10.50 -18.08
CA PRO A 149 -16.67 10.65 -16.64
C PRO A 149 -15.82 11.79 -16.10
N GLU A 150 -16.37 12.54 -15.16
CA GLU A 150 -15.61 13.63 -14.57
C GLU A 150 -15.23 13.40 -13.12
N VAL A 151 -15.72 12.33 -12.51
CA VAL A 151 -15.37 11.94 -11.15
C VAL A 151 -15.04 10.45 -11.17
N LEU A 152 -14.03 10.04 -10.40
CA LEU A 152 -13.71 8.61 -10.30
C LEU A 152 -14.58 8.02 -9.20
N ASP A 153 -15.68 7.36 -9.60
CA ASP A 153 -16.60 6.83 -8.59
C ASP A 153 -16.46 5.32 -8.55
N GLU A 154 -17.37 4.69 -7.79
CA GLU A 154 -17.30 3.24 -7.63
C GLU A 154 -17.56 2.52 -8.94
N ASP A 155 -18.46 3.05 -9.77
CA ASP A 155 -18.73 2.39 -11.06
C ASP A 155 -17.50 2.41 -11.96
N LEU A 156 -16.86 3.58 -12.14
CA LEU A 156 -15.67 3.59 -12.98
C LEU A 156 -14.57 2.72 -12.36
N ALA A 157 -14.45 2.74 -11.03
CA ALA A 157 -13.40 1.94 -10.40
C ALA A 157 -13.59 0.45 -10.65
N GLU A 158 -14.83 -0.02 -10.59
CA GLU A 158 -15.12 -1.40 -10.90
C GLU A 158 -14.72 -1.73 -12.34
N PHE A 159 -15.05 -0.83 -13.29
CA PHE A 159 -14.70 -1.07 -14.68
C PHE A 159 -13.19 -1.14 -14.85
N LEU A 160 -12.46 -0.23 -14.20
CA LEU A 160 -11.01 -0.26 -14.26
C LEU A 160 -10.46 -1.55 -13.70
N GLY A 161 -11.07 -2.07 -12.64
CA GLY A 161 -10.64 -3.34 -12.11
C GLY A 161 -10.73 -4.46 -13.15
N TYR A 162 -11.84 -4.50 -13.89
CA TYR A 162 -11.95 -5.52 -14.94
C TYR A 162 -10.92 -5.29 -16.05
N LEU A 163 -10.74 -4.04 -16.45
CA LEU A 163 -9.87 -3.73 -17.57
C LEU A 163 -8.41 -4.05 -17.24
N ILE A 164 -7.95 -3.69 -16.03
CA ILE A 164 -6.54 -3.92 -15.71
C ILE A 164 -6.30 -5.41 -15.49
N ALA A 165 -7.25 -6.07 -14.84
CA ALA A 165 -7.05 -7.49 -14.51
C ALA A 165 -7.15 -8.37 -15.76
N ASP A 166 -8.09 -8.08 -16.69
CA ASP A 166 -8.42 -9.03 -17.76
C ASP A 166 -8.69 -8.34 -19.10
N GLY A 167 -8.11 -7.16 -19.35
CA GLY A 167 -8.46 -6.37 -20.52
C GLY A 167 -7.28 -6.16 -21.47
N THR A 168 -7.59 -5.67 -22.67
CA THR A 168 -6.55 -5.18 -23.59
C THR A 168 -7.00 -3.85 -24.18
N LEU A 169 -6.03 -3.01 -24.50
CA LEU A 169 -6.27 -1.81 -25.30
C LEU A 169 -5.53 -1.98 -26.62
N LYS A 170 -6.29 -2.06 -27.71
CA LYS A 170 -5.78 -1.84 -29.04
C LYS A 170 -5.94 -0.37 -29.37
N PRO A 171 -5.38 0.11 -30.48
CA PRO A 171 -5.55 1.54 -30.79
C PRO A 171 -7.00 2.01 -30.86
N ARG A 172 -7.94 1.17 -31.29
CA ARG A 172 -9.32 1.63 -31.45
C ARG A 172 -10.33 0.78 -30.69
N THR A 173 -9.88 -0.19 -29.88
CA THR A 173 -10.79 -1.13 -29.25
C THR A 173 -10.38 -1.38 -27.79
N VAL A 174 -11.36 -1.34 -26.89
CA VAL A 174 -11.20 -1.78 -25.50
C VAL A 174 -11.79 -3.18 -25.39
N ALA A 175 -11.03 -4.12 -24.84
CA ALA A 175 -11.52 -5.49 -24.71
C ALA A 175 -11.40 -5.93 -23.26
N ILE A 176 -12.39 -6.69 -22.80
CA ILE A 176 -12.36 -7.36 -21.50
C ILE A 176 -12.63 -8.83 -21.76
N TYR A 177 -11.77 -9.69 -21.24
CA TYR A 177 -11.87 -11.13 -21.49
C TYR A 177 -12.31 -11.85 -20.23
N ASN A 178 -13.31 -12.73 -20.37
CA ASN A 178 -13.80 -13.48 -19.22
C ASN A 178 -14.74 -14.53 -19.72
N ASN A 179 -14.72 -15.69 -19.07
CA ASN A 179 -15.69 -16.72 -19.41
C ASN A 179 -16.99 -16.61 -18.66
N ASP A 180 -17.11 -15.66 -17.72
CA ASP A 180 -18.41 -15.37 -17.13
C ASP A 180 -19.11 -14.33 -17.99
N GLU A 181 -20.09 -14.78 -18.78
CA GLU A 181 -20.85 -13.85 -19.61
C GLU A 181 -21.60 -12.82 -18.76
N SER A 182 -21.93 -13.14 -17.50
CA SER A 182 -22.60 -12.13 -16.68
C SER A 182 -21.66 -11.01 -16.25
N LEU A 183 -20.36 -11.30 -16.05
CA LEU A 183 -19.38 -10.25 -15.80
C LEU A 183 -19.19 -9.39 -17.03
N LEU A 184 -19.13 -10.02 -18.20
CA LEU A 184 -19.01 -9.22 -19.42
C LEU A 184 -20.23 -8.33 -19.60
N LYS A 185 -21.41 -8.87 -19.29
CA LYS A 185 -22.63 -8.06 -19.38
C LYS A 185 -22.57 -6.91 -18.38
N ARG A 186 -22.03 -7.16 -17.19
CA ARG A 186 -21.91 -6.10 -16.20
C ARG A 186 -20.96 -5.02 -16.70
N ALA A 187 -19.84 -5.42 -17.29
CA ALA A 187 -18.90 -4.43 -17.81
C ALA A 187 -19.54 -3.60 -18.91
N ASN A 188 -20.37 -4.25 -19.73
CA ASN A 188 -21.06 -3.54 -20.80
C ASN A 188 -22.10 -2.59 -20.26
N PHE A 189 -22.80 -2.99 -19.20
CA PHE A 189 -23.73 -2.09 -18.53
C PHE A 189 -23.00 -0.85 -18.01
N LEU A 190 -21.85 -1.07 -17.40
CA LEU A 190 -21.09 0.08 -16.90
C LEU A 190 -20.62 0.97 -18.04
N SER A 191 -20.22 0.39 -19.16
CA SER A 191 -19.74 1.22 -20.27
C SER A 191 -20.86 2.12 -20.78
N THR A 192 -22.07 1.59 -20.89
CA THR A 192 -23.20 2.45 -21.27
C THR A 192 -23.41 3.57 -20.27
N LYS A 193 -23.41 3.22 -18.98
CA LYS A 193 -23.67 4.19 -17.94
C LYS A 193 -22.60 5.28 -17.90
N LEU A 194 -21.33 4.87 -18.02
CA LEU A 194 -20.20 5.77 -17.85
C LEU A 194 -19.88 6.56 -19.11
N PHE A 195 -19.95 5.93 -20.26
CA PHE A 195 -19.44 6.50 -21.49
C PHE A 195 -20.51 6.68 -22.54
N GLY A 196 -21.71 6.14 -22.33
CA GLY A 196 -22.77 6.31 -23.32
C GLY A 196 -22.57 5.50 -24.57
N ILE A 197 -21.68 4.52 -24.54
CA ILE A 197 -21.51 3.60 -25.66
C ILE A 197 -21.35 2.21 -25.08
N ASN A 198 -21.63 1.21 -25.89
CA ASN A 198 -21.56 -0.16 -25.44
CA ASN A 198 -21.47 -0.14 -25.39
C ASN A 198 -20.84 -0.99 -26.49
N GLY A 199 -20.62 -2.25 -26.15
CA GLY A 199 -19.96 -3.12 -27.08
C GLY A 199 -20.74 -4.38 -27.25
N LYS A 200 -20.10 -5.37 -27.84
CA LYS A 200 -20.73 -6.65 -28.07
C LYS A 200 -19.85 -7.74 -27.49
N ILE A 201 -20.50 -8.82 -27.08
CA ILE A 201 -19.82 -9.96 -26.49
C ILE A 201 -19.50 -10.96 -27.60
N VAL A 202 -18.22 -11.19 -27.83
CA VAL A 202 -17.77 -12.14 -28.85
C VAL A 202 -17.35 -13.44 -28.16
N GLN A 203 -17.91 -14.56 -28.61
CA GLN A 203 -17.49 -15.87 -28.15
C GLN A 203 -16.24 -16.27 -28.90
N GLU A 204 -15.12 -16.43 -28.20
CA GLU A 204 -13.88 -16.80 -28.86
C GLU A 204 -13.47 -18.23 -28.60
N ARG A 205 -12.26 -18.57 -29.03
CA ARG A 205 -11.86 -19.97 -29.07
C ARG A 205 -11.71 -20.51 -27.67
N THR A 206 -11.01 -19.78 -26.78
CA THR A 206 -10.82 -20.23 -25.41
C THR A 206 -11.39 -19.28 -24.37
N VAL A 207 -12.09 -18.22 -24.77
CA VAL A 207 -12.60 -17.23 -23.83
C VAL A 207 -13.65 -16.40 -24.55
N LYS A 208 -14.55 -15.78 -23.80
CA LYS A 208 -15.41 -14.76 -24.37
C LYS A 208 -14.76 -13.40 -24.17
N ALA A 209 -15.19 -12.43 -24.97
CA ALA A 209 -14.66 -11.08 -24.84
C ALA A 209 -15.77 -10.07 -25.01
N LEU A 210 -15.71 -8.99 -24.24
CA LEU A 210 -16.49 -7.81 -24.55
C LEU A 210 -15.59 -6.86 -25.31
N LEU A 211 -16.05 -6.44 -26.49
CA LEU A 211 -15.28 -5.56 -27.38
C LEU A 211 -16.04 -4.25 -27.50
N ILE A 212 -15.38 -3.15 -27.14
CA ILE A 212 -15.95 -1.82 -27.23
C ILE A 212 -15.12 -1.04 -28.24
N HIS A 213 -15.73 -0.67 -29.36
CA HIS A 213 -15.00 -0.03 -30.44
C HIS A 213 -15.15 1.47 -30.30
N SER A 214 -14.09 2.11 -29.79
CA SER A 214 -14.06 3.55 -29.61
C SER A 214 -12.64 4.03 -29.39
N LYS A 215 -12.05 4.73 -30.36
CA LYS A 215 -10.75 5.35 -30.12
C LYS A 215 -10.78 6.38 -28.99
N PRO A 216 -11.77 7.27 -28.88
CA PRO A 216 -11.83 8.16 -27.69
C PRO A 216 -11.82 7.40 -26.38
N LEU A 217 -12.53 6.28 -26.30
CA LEU A 217 -12.52 5.54 -25.05
C LEU A 217 -11.13 4.99 -24.75
N VAL A 218 -10.44 4.46 -25.76
CA VAL A 218 -9.07 3.99 -25.55
C VAL A 218 -8.20 5.12 -25.05
N ASP A 219 -8.31 6.29 -25.67
CA ASP A 219 -7.47 7.42 -25.30
C ASP A 219 -7.72 7.82 -23.85
N PHE A 220 -8.97 7.73 -23.41
CA PHE A 220 -9.32 8.04 -22.03
C PHE A 220 -8.59 7.13 -21.05
N PHE A 221 -8.56 5.83 -21.34
CA PHE A 221 -7.89 4.87 -20.47
C PHE A 221 -6.38 4.99 -20.57
N ARG A 222 -5.86 5.28 -21.77
CA ARG A 222 -4.42 5.46 -21.90
C ARG A 222 -3.95 6.66 -21.10
N LYS A 223 -4.70 7.77 -21.14
CA LYS A 223 -4.32 8.91 -20.32
C LYS A 223 -4.33 8.55 -18.85
N LEU A 224 -5.20 7.61 -18.44
CA LEU A 224 -5.20 7.17 -17.05
C LEU A 224 -4.06 6.23 -16.71
N GLY A 225 -3.27 5.77 -17.69
CA GLY A 225 -2.21 4.84 -17.41
C GLY A 225 -2.65 3.38 -17.36
N ILE A 226 -3.68 3.03 -18.09
CA ILE A 226 -4.13 1.63 -18.09
C ILE A 226 -3.22 0.83 -19.02
N PRO A 227 -2.73 -0.33 -18.58
CA PRO A 227 -1.86 -1.13 -19.45
C PRO A 227 -2.59 -1.60 -20.69
N GLU A 228 -1.84 -1.81 -21.76
CA GLU A 228 -2.42 -2.32 -23.00
C GLU A 228 -2.77 -3.81 -22.92
N SER A 229 -2.28 -4.53 -21.90
CA SER A 229 -2.54 -5.96 -21.76
C SER A 229 -2.11 -6.41 -20.37
N LYS A 230 -2.48 -7.65 -20.04
CA LYS A 230 -2.14 -8.24 -18.74
C LYS A 230 -0.65 -8.32 -18.53
N LYS A 231 0.12 -8.43 -19.61
CA LYS A 231 1.54 -8.71 -19.54
C LYS A 231 2.40 -7.46 -19.54
N ALA A 232 1.81 -6.27 -19.59
CA ALA A 232 2.62 -5.06 -19.49
C ALA A 232 3.43 -5.13 -18.21
N ARG A 233 4.75 -4.91 -18.32
CA ARG A 233 5.61 -5.03 -17.15
C ARG A 233 5.84 -3.70 -16.44
N ASN A 234 5.22 -2.61 -16.92
CA ASN A 234 5.51 -1.29 -16.39
C ASN A 234 4.27 -0.50 -16.02
N TRP A 235 3.09 -1.12 -16.00
CA TRP A 235 1.87 -0.39 -15.65
C TRP A 235 1.86 -0.05 -14.16
N LYS A 236 1.16 1.04 -13.83
CA LYS A 236 1.11 1.58 -12.48
C LYS A 236 -0.34 1.83 -12.06
N VAL A 237 -0.58 1.80 -10.74
CA VAL A 237 -1.90 2.18 -10.24
C VAL A 237 -2.11 3.68 -10.47
N PRO A 238 -3.22 4.09 -11.08
CA PRO A 238 -3.51 5.52 -11.29
C PRO A 238 -3.51 6.30 -9.99
N ARG A 239 -2.89 7.48 -10.02
CA ARG A 239 -2.91 8.39 -8.89
C ARG A 239 -4.31 8.61 -8.37
N GLU A 240 -5.30 8.71 -9.26
CA GLU A 240 -6.64 9.08 -8.82
C GLU A 240 -7.24 7.99 -7.94
N LEU A 241 -6.87 6.72 -8.17
CA LEU A 241 -7.37 5.64 -7.33
C LEU A 241 -6.73 5.69 -5.95
N LEU A 242 -5.45 6.06 -5.88
CA LEU A 242 -4.77 6.13 -4.59
C LEU A 242 -5.31 7.24 -3.71
N LEU A 243 -5.94 8.24 -4.30
CA LEU A 243 -6.47 9.35 -3.56
C LEU A 243 -7.94 9.21 -3.28
N SER A 244 -8.56 8.10 -3.71
CA SER A 244 -10.01 7.95 -3.68
C SER A 244 -10.50 7.53 -2.29
N PRO A 245 -11.81 7.63 -2.04
CA PRO A 245 -12.35 7.08 -0.79
C PRO A 245 -12.21 5.58 -0.76
N PRO A 246 -12.19 4.98 0.41
CA PRO A 246 -12.08 3.51 0.46
C PRO A 246 -13.17 2.79 -0.32
N SER A 247 -14.38 3.36 -0.40
CA SER A 247 -15.44 2.71 -1.16
C SER A 247 -15.05 2.49 -2.61
N VAL A 248 -14.33 3.46 -3.17
CA VAL A 248 -13.91 3.40 -4.57
C VAL A 248 -12.80 2.39 -4.72
N VAL A 249 -11.84 2.42 -3.81
CA VAL A 249 -10.79 1.43 -3.83
C VAL A 249 -11.36 0.03 -3.71
N LYS A 250 -12.34 -0.16 -2.81
CA LYS A 250 -12.97 -1.47 -2.64
C LYS A 250 -13.61 -1.96 -3.94
N ALA A 251 -14.29 -1.06 -4.66
CA ALA A 251 -14.89 -1.46 -5.92
C ALA A 251 -13.82 -1.93 -6.89
N PHE A 252 -12.72 -1.18 -6.97
CA PHE A 252 -11.65 -1.59 -7.86
C PHE A 252 -11.06 -2.95 -7.46
N ILE A 253 -10.70 -3.09 -6.17
CA ILE A 253 -10.01 -4.29 -5.71
C ILE A 253 -10.89 -5.52 -5.85
N ASN A 254 -12.17 -5.40 -5.50
CA ASN A 254 -13.07 -6.53 -5.64
C ASN A 254 -13.16 -6.96 -7.10
N ALA A 255 -13.19 -5.99 -8.03
CA ALA A 255 -13.31 -6.32 -9.46
C ALA A 255 -12.04 -6.99 -9.94
N TYR A 256 -10.89 -6.44 -9.55
CA TYR A 256 -9.62 -7.07 -9.89
C TYR A 256 -9.58 -8.51 -9.39
N ILE A 257 -9.99 -8.74 -8.14
CA ILE A 257 -9.90 -10.08 -7.56
C ILE A 257 -10.87 -11.05 -8.25
N VAL A 258 -12.09 -10.59 -8.60
CA VAL A 258 -12.97 -11.54 -9.27
C VAL A 258 -12.35 -11.96 -10.60
N CYS A 259 -11.65 -11.05 -11.27
CA CYS A 259 -11.08 -11.32 -12.59
C CYS A 259 -9.79 -12.12 -12.54
N ASP A 260 -8.90 -11.83 -11.60
CA ASP A 260 -7.59 -12.45 -11.64
C ASP A 260 -7.00 -12.65 -10.26
N GLY A 261 -7.83 -12.71 -9.23
CA GLY A 261 -7.39 -13.08 -7.89
C GLY A 261 -7.85 -14.50 -7.62
N TYR A 262 -7.08 -15.22 -6.80
CA TYR A 262 -7.37 -16.63 -6.57
C TYR A 262 -7.23 -16.96 -5.09
N TYR A 263 -8.25 -17.63 -4.53
CA TYR A 263 -8.23 -17.96 -3.12
C TYR A 263 -7.66 -19.36 -2.94
N HIS A 264 -6.56 -19.45 -2.16
CA HIS A 264 -5.85 -20.68 -1.88
C HIS A 264 -6.26 -21.19 -0.51
N GLU A 265 -6.96 -22.33 -0.50
CA GLU A 265 -7.56 -22.87 0.71
C GLU A 265 -6.53 -23.19 1.79
N ARG A 266 -5.50 -23.97 1.44
CA ARG A 266 -4.56 -24.45 2.45
CA ARG A 266 -4.58 -24.44 2.47
C ARG A 266 -3.85 -23.29 3.13
N LYS A 267 -3.48 -22.25 2.36
CA LYS A 267 -2.74 -21.11 2.86
C LYS A 267 -3.62 -20.02 3.46
N GLY A 268 -4.91 -20.02 3.17
CA GLY A 268 -5.81 -18.99 3.62
C GLY A 268 -5.49 -17.61 3.05
N GLU A 269 -5.29 -17.51 1.73
CA GLU A 269 -4.89 -16.23 1.16
C GLU A 269 -5.43 -16.08 -0.25
N ILE A 270 -5.77 -14.85 -0.57
CA ILE A 270 -6.05 -14.47 -1.94
C ILE A 270 -4.75 -14.03 -2.54
N GLU A 271 -4.40 -14.61 -3.68
CA GLU A 271 -3.18 -14.28 -4.42
C GLU A 271 -3.51 -13.54 -5.70
N ILE A 272 -2.75 -12.46 -5.95
CA ILE A 272 -2.73 -11.75 -7.21
C ILE A 272 -1.31 -11.84 -7.74
N THR A 273 -1.18 -12.33 -8.96
CA THR A 273 0.13 -12.37 -9.61
C THR A 273 0.10 -11.40 -10.78
N THR A 274 1.03 -10.45 -10.81
CA THR A 274 1.05 -9.51 -11.91
C THR A 274 2.45 -9.45 -12.51
N ALA A 275 2.51 -9.00 -13.76
CA ALA A 275 3.79 -8.87 -14.45
C ALA A 275 4.46 -7.52 -14.19
N SER A 276 3.75 -6.59 -13.57
CA SER A 276 4.29 -5.26 -13.27
C SER A 276 4.68 -5.16 -11.81
N GLU A 277 5.98 -4.97 -11.56
CA GLU A 277 6.48 -4.82 -10.19
C GLU A 277 5.91 -3.59 -9.53
N GLU A 278 5.95 -2.44 -10.22
CA GLU A 278 5.39 -1.24 -9.59
C GLU A 278 3.87 -1.31 -9.52
N GLY A 279 3.24 -2.07 -10.40
CA GLY A 279 1.81 -2.28 -10.26
C GLY A 279 1.48 -3.05 -8.99
N ALA A 280 2.29 -4.08 -8.70
CA ALA A 280 2.14 -4.83 -7.46
C ALA A 280 2.34 -3.94 -6.23
N TYR A 281 3.42 -3.13 -6.24
CA TYR A 281 3.62 -2.22 -5.11
C TYR A 281 2.42 -1.27 -4.96
N GLY A 282 1.89 -0.76 -6.07
CA GLY A 282 0.71 0.08 -5.98
C GLY A 282 -0.50 -0.63 -5.41
N LEU A 283 -0.70 -1.90 -5.78
CA LEU A 283 -1.77 -2.68 -5.16
C LEU A 283 -1.62 -2.75 -3.64
N SER A 284 -0.37 -2.78 -3.15
CA SER A 284 -0.18 -2.87 -1.69
C SER A 284 -0.64 -1.58 -1.02
N TYR A 285 -0.45 -0.42 -1.66
CA TYR A 285 -0.93 0.83 -1.08
C TYR A 285 -2.44 0.91 -1.16
N LEU A 286 -3.04 0.46 -2.29
CA LEU A 286 -4.50 0.41 -2.34
C LEU A 286 -5.05 -0.47 -1.22
N LEU A 287 -4.42 -1.61 -0.99
CA LEU A 287 -4.92 -2.51 0.05
C LEU A 287 -4.80 -1.87 1.43
N ALA A 288 -3.73 -1.11 1.68
CA ALA A 288 -3.67 -0.38 2.95
C ALA A 288 -4.79 0.65 3.10
N LYS A 289 -5.27 1.24 2.00
CA LYS A 289 -6.44 2.12 2.15
C LYS A 289 -7.69 1.35 2.64
N LEU A 290 -7.72 0.04 2.44
CA LEU A 290 -8.79 -0.84 2.97
C LEU A 290 -8.43 -1.40 4.33
N GLY A 291 -7.27 -1.08 4.86
CA GLY A 291 -6.89 -1.61 6.15
C GLY A 291 -6.21 -2.96 6.09
N ILE A 292 -5.83 -3.41 4.91
CA ILE A 292 -5.21 -4.71 4.69
C ILE A 292 -3.70 -4.59 4.59
N TYR A 293 -2.97 -5.50 5.25
CA TYR A 293 -1.53 -5.63 5.09
C TYR A 293 -1.22 -6.74 4.08
N ALA A 294 -0.71 -6.35 2.92
CA ALA A 294 -0.33 -7.27 1.88
C ALA A 294 1.04 -7.88 2.17
N THR A 295 1.30 -9.02 1.52
CA THR A 295 2.66 -9.51 1.42
C THR A 295 3.05 -9.55 -0.03
N PHE A 296 4.35 -9.54 -0.26
CA PHE A 296 4.89 -9.43 -1.59
C PHE A 296 6.02 -10.43 -1.78
N ARG A 297 6.05 -11.07 -2.95
CA ARG A 297 7.10 -12.02 -3.28
C ARG A 297 7.36 -11.96 -4.77
N LYS A 298 8.64 -12.08 -5.16
CA LYS A 298 8.98 -12.26 -6.57
C LYS A 298 8.95 -13.74 -6.91
N LYS A 299 8.38 -14.09 -8.07
CA LYS A 299 8.21 -15.49 -8.42
C LYS A 299 8.67 -15.74 -9.84
N GLN A 300 9.08 -16.98 -10.12
CA GLN A 300 9.50 -17.40 -11.44
C GLN A 300 8.39 -18.25 -12.05
N ILE A 301 7.93 -17.84 -13.23
CA ILE A 301 6.87 -18.55 -13.93
C ILE A 301 7.31 -18.63 -15.38
N LYS A 302 7.63 -19.84 -15.84
CA LYS A 302 8.03 -20.10 -17.21
C LYS A 302 9.13 -19.12 -17.66
N GLY A 303 10.18 -19.05 -16.86
CA GLY A 303 11.36 -18.30 -17.24
C GLY A 303 11.26 -16.79 -17.15
N LYS A 304 10.21 -16.23 -16.57
CA LYS A 304 10.09 -14.78 -16.43
C LYS A 304 9.72 -14.45 -14.99
N GLU A 305 9.98 -13.20 -14.59
CA GLU A 305 9.75 -12.79 -13.21
C GLU A 305 8.38 -12.15 -13.06
N TYR A 306 7.62 -12.63 -12.08
CA TYR A 306 6.32 -12.09 -11.75
C TYR A 306 6.27 -11.66 -10.30
N TYR A 307 5.20 -10.94 -9.95
CA TYR A 307 5.12 -10.26 -8.67
C TYR A 307 3.82 -10.66 -8.00
N ARG A 308 3.92 -11.28 -6.84
CA ARG A 308 2.80 -11.91 -6.16
C ARG A 308 2.42 -11.02 -4.97
N ILE A 309 1.17 -10.59 -4.93
CA ILE A 309 0.62 -9.87 -3.80
C ILE A 309 -0.40 -10.80 -3.14
N ALA A 310 -0.23 -11.02 -1.84
CA ALA A 310 -1.15 -11.91 -1.13
C ALA A 310 -1.92 -11.14 -0.06
N ILE A 311 -3.22 -11.41 0.01
CA ILE A 311 -4.11 -10.90 1.05
C ILE A 311 -4.41 -12.11 1.93
N SER A 312 -3.78 -12.17 3.09
CA SER A 312 -3.62 -13.44 3.78
C SER A 312 -4.19 -13.37 5.19
N GLY A 313 -4.90 -14.41 5.54
CA GLY A 313 -5.30 -14.46 6.94
C GLY A 313 -6.71 -13.95 7.18
N LYS A 314 -7.36 -14.54 8.19
CA LYS A 314 -8.77 -14.23 8.47
C LYS A 314 -9.02 -12.73 8.65
N THR A 315 -8.13 -12.03 9.37
CA THR A 315 -8.30 -10.61 9.63
C THR A 315 -8.24 -9.77 8.37
N ASN A 316 -7.24 -10.04 7.51
CA ASN A 316 -7.18 -9.33 6.24
C ASN A 316 -8.40 -9.62 5.39
N LEU A 317 -8.81 -10.90 5.32
CA LEU A 317 -9.93 -11.23 4.47
C LEU A 317 -11.21 -10.54 4.93
N GLU A 318 -11.39 -10.35 6.25
CA GLU A 318 -12.59 -9.65 6.74
C GLU A 318 -12.68 -8.23 6.17
N LYS A 319 -11.55 -7.64 5.79
CA LYS A 319 -11.58 -6.28 5.27
C LYS A 319 -12.15 -6.22 3.88
N LEU A 320 -12.29 -7.37 3.21
CA LEU A 320 -12.99 -7.48 1.95
C LEU A 320 -14.40 -8.00 2.12
N GLY A 321 -14.90 -8.10 3.35
CA GLY A 321 -16.21 -8.67 3.55
C GLY A 321 -16.24 -10.18 3.47
N ILE A 322 -15.09 -10.83 3.53
CA ILE A 322 -14.96 -12.28 3.45
C ILE A 322 -14.76 -12.83 4.85
N LYS A 323 -15.60 -13.80 5.24
CA LYS A 323 -15.55 -14.39 6.57
C LYS A 323 -15.05 -15.82 6.40
N ARG A 324 -13.77 -16.05 6.72
CA ARG A 324 -13.20 -17.36 6.51
C ARG A 324 -12.16 -17.66 7.58
N GLU A 325 -12.21 -18.90 8.08
CA GLU A 325 -11.15 -19.38 8.96
C GLU A 325 -9.94 -19.76 8.12
N THR A 326 -8.76 -19.46 8.65
CA THR A 326 -7.50 -19.70 7.96
C THR A 326 -6.52 -20.33 8.94
N ARG A 327 -6.75 -21.59 9.28
CA ARG A 327 -5.94 -22.19 10.33
C ARG A 327 -4.53 -22.54 9.83
N GLY A 328 -4.29 -22.48 8.52
CA GLY A 328 -2.97 -22.70 7.97
C GLY A 328 -2.14 -21.42 7.81
N TYR A 329 -2.71 -20.29 8.21
CA TYR A 329 -2.04 -19.01 8.06
C TYR A 329 -1.14 -18.72 9.27
N THR A 330 0.12 -18.41 8.99
CA THR A 330 1.04 -18.02 10.05
C THR A 330 0.85 -16.55 10.38
N ASN A 331 0.67 -16.23 11.65
CA ASN A 331 0.42 -14.85 12.01
C ASN A 331 1.69 -14.02 11.84
N ILE A 332 1.56 -12.87 11.19
CA ILE A 332 2.68 -11.95 11.13
C ILE A 332 2.41 -10.61 11.79
N ASP A 333 1.18 -10.32 12.20
CA ASP A 333 0.82 -9.08 12.90
C ASP A 333 0.94 -9.34 14.41
N ILE A 334 2.15 -9.14 14.92
CA ILE A 334 2.52 -9.43 16.31
C ILE A 334 2.76 -8.10 16.98
N VAL A 335 2.17 -7.90 18.15
CA VAL A 335 2.23 -6.61 18.86
C VAL A 335 3.33 -6.72 19.92
N PRO A 336 4.31 -5.83 19.91
CA PRO A 336 5.30 -5.85 21.00
C PRO A 336 4.64 -5.26 22.23
N VAL A 337 4.33 -6.08 23.21
CA VAL A 337 3.56 -5.61 24.35
C VAL A 337 4.24 -6.09 25.62
N GLU A 338 4.38 -5.19 26.59
CA GLU A 338 4.96 -5.52 27.88
C GLU A 338 3.85 -6.08 28.76
N VAL A 339 3.58 -7.37 28.57
N VAL A 339 3.56 -7.37 28.58
CA VAL A 339 2.37 -7.99 29.10
CA VAL A 339 2.32 -7.92 29.11
C VAL A 339 2.38 -7.95 30.61
C VAL A 339 2.35 -7.97 30.64
N GLU A 340 3.47 -8.40 31.23
CA GLU A 340 3.47 -8.56 32.69
C GLU A 340 3.35 -7.21 33.40
N SER A 341 4.10 -6.20 32.95
CA SER A 341 4.00 -4.90 33.61
C SER A 341 2.63 -4.29 33.43
N ILE A 342 2.03 -4.44 32.24
CA ILE A 342 0.65 -3.97 32.05
C ILE A 342 -0.31 -4.71 32.97
N TYR A 343 -0.20 -6.04 33.01
CA TYR A 343 -1.06 -6.85 33.86
C TYR A 343 -0.97 -6.42 35.31
N ASN A 344 0.25 -6.22 35.83
CA ASN A 344 0.37 -5.79 37.22
C ASN A 344 -0.13 -4.36 37.42
N ALA A 345 0.16 -3.47 36.47
CA ALA A 345 -0.27 -2.10 36.64
C ALA A 345 -1.78 -2.01 36.71
N LEU A 346 -2.50 -2.91 36.03
CA LEU A 346 -3.95 -2.90 36.04
C LEU A 346 -4.53 -3.76 37.14
N GLY A 347 -3.72 -4.22 38.09
CA GLY A 347 -4.26 -4.95 39.22
C GLY A 347 -4.52 -6.41 38.98
N ARG A 348 -3.89 -7.00 37.98
CA ARG A 348 -3.93 -8.46 37.75
C ARG A 348 -5.35 -8.97 37.53
N PRO A 349 -6.00 -8.58 36.42
CA PRO A 349 -7.38 -9.03 36.12
C PRO A 349 -7.38 -10.45 35.57
N TYR A 350 -7.02 -11.39 36.47
CA TYR A 350 -6.83 -12.79 36.07
C TYR A 350 -8.13 -13.39 35.53
N SER A 351 -9.21 -13.33 36.31
CA SER A 351 -10.48 -13.97 35.90
C SER A 351 -11.03 -13.36 34.62
N GLU A 352 -10.96 -12.03 34.50
CA GLU A 352 -11.49 -11.36 33.32
C GLU A 352 -10.74 -11.79 32.08
N LEU A 353 -9.40 -11.86 32.16
CA LEU A 353 -8.63 -12.32 31.00
C LEU A 353 -8.93 -13.77 30.67
N LYS A 354 -9.07 -14.62 31.70
CA LYS A 354 -9.44 -16.01 31.44
C LYS A 354 -10.77 -16.07 30.71
N GLY A 355 -11.69 -15.15 31.03
CA GLY A 355 -12.99 -15.12 30.36
C GLY A 355 -12.92 -14.79 28.88
N GLU A 356 -11.87 -14.10 28.45
CA GLU A 356 -11.53 -13.83 27.07
C GLU A 356 -10.63 -14.89 26.48
N GLY A 357 -10.38 -15.98 27.20
CA GLY A 357 -9.53 -17.05 26.69
C GLY A 357 -8.06 -16.77 26.73
N ILE A 358 -7.61 -15.90 27.63
CA ILE A 358 -6.21 -15.54 27.77
C ILE A 358 -5.75 -16.00 29.14
N GLU A 359 -4.76 -16.88 29.16
CA GLU A 359 -4.06 -17.28 30.39
C GLU A 359 -2.80 -16.45 30.43
N ILE A 360 -2.73 -15.54 31.39
CA ILE A 360 -1.67 -14.57 31.45
C ILE A 360 -0.29 -15.25 31.44
N HIS A 361 -0.20 -16.44 32.03
CA HIS A 361 1.10 -17.09 32.10
C HIS A 361 1.66 -17.41 30.72
N ASN A 362 0.79 -17.58 29.72
CA ASN A 362 1.28 -17.92 28.39
C ASN A 362 1.97 -16.78 27.71
N TYR A 363 2.05 -15.60 28.33
CA TYR A 363 2.71 -14.46 27.72
C TYR A 363 3.84 -13.92 28.58
N LEU A 364 4.15 -14.58 29.69
CA LEU A 364 5.15 -14.08 30.63
C LEU A 364 6.58 -14.51 30.31
N ASN A 365 6.79 -15.38 29.32
CA ASN A 365 8.14 -15.83 29.05
C ASN A 365 8.48 -15.53 27.60
N GLY A 366 8.19 -14.30 27.17
CA GLY A 366 8.58 -13.79 25.88
C GLY A 366 7.75 -14.25 24.70
N GLU A 367 6.58 -14.84 24.93
CA GLU A 367 5.76 -15.32 23.83
C GLU A 367 5.17 -14.16 23.03
N ASN A 368 4.98 -14.39 21.74
CA ASN A 368 4.41 -13.37 20.85
C ASN A 368 2.90 -13.26 21.06
N MET A 369 2.39 -12.03 21.20
CA MET A 369 0.96 -11.78 21.22
C MET A 369 0.49 -11.25 19.88
N THR A 370 -0.48 -11.92 19.28
CA THR A 370 -1.03 -11.42 18.03
C THR A 370 -1.86 -10.17 18.26
N TYR A 371 -2.00 -9.38 17.19
CA TYR A 371 -2.93 -8.26 17.22
C TYR A 371 -4.34 -8.70 17.64
N GLU A 372 -4.82 -9.85 17.12
CA GLU A 372 -6.17 -10.29 17.46
C GLU A 372 -6.30 -10.57 18.96
N THR A 373 -5.28 -11.19 19.55
CA THR A 373 -5.31 -11.41 21.00
C THR A 373 -5.18 -10.08 21.74
N PHE A 374 -4.31 -9.21 21.25
CA PHE A 374 -4.15 -7.92 21.90
C PHE A 374 -5.44 -7.12 21.91
N ARG A 375 -6.24 -7.18 20.83
CA ARG A 375 -7.51 -6.46 20.84
C ARG A 375 -8.35 -6.83 22.06
N LYS A 376 -8.37 -8.11 22.42
CA LYS A 376 -9.16 -8.58 23.55
C LYS A 376 -8.51 -8.16 24.85
N PHE A 377 -7.21 -8.41 24.96
CA PHE A 377 -6.46 -8.01 26.16
C PHE A 377 -6.63 -6.53 26.44
N ALA A 378 -6.50 -5.72 25.39
CA ALA A 378 -6.48 -4.28 25.55
C ALA A 378 -7.74 -3.76 26.22
N LYS A 379 -8.89 -4.33 25.89
CA LYS A 379 -10.13 -3.85 26.47
C LYS A 379 -10.16 -4.02 27.98
N LEU A 380 -9.38 -4.93 28.51
CA LEU A 380 -9.42 -5.22 29.93
C LEU A 380 -8.31 -4.51 30.70
N VAL A 381 -7.43 -3.79 29.99
CA VAL A 381 -6.30 -3.13 30.65
C VAL A 381 -6.22 -1.66 30.26
N GLY A 382 -7.34 -1.10 29.81
CA GLY A 382 -7.37 0.33 29.54
C GLY A 382 -6.68 0.77 28.26
N LEU A 383 -6.45 -0.14 27.30
CA LEU A 383 -5.68 0.17 26.09
C LEU A 383 -6.54 0.02 24.85
N GLU A 384 -7.86 0.11 24.98
CA GLU A 384 -8.70 -0.03 23.80
C GLU A 384 -8.32 0.98 22.72
N GLU A 385 -8.08 2.24 23.12
CA GLU A 385 -7.79 3.26 22.10
C GLU A 385 -6.57 2.88 21.27
N VAL A 386 -5.54 2.35 21.93
CA VAL A 386 -4.34 1.97 21.18
C VAL A 386 -4.64 0.79 20.27
N ALA A 387 -5.45 -0.15 20.74
CA ALA A 387 -5.74 -1.29 19.88
C ALA A 387 -6.54 -0.87 18.66
N GLU A 388 -7.47 0.07 18.84
CA GLU A 388 -8.43 0.36 17.77
C GLU A 388 -8.05 1.55 16.91
N ASN A 389 -6.95 2.22 17.25
CA ASN A 389 -6.45 3.35 16.45
C ASN A 389 -5.03 3.10 16.02
N HIS A 390 -4.06 3.30 16.92
CA HIS A 390 -2.66 3.17 16.57
C HIS A 390 -2.36 1.83 15.91
N LEU A 391 -2.77 0.73 16.53
CA LEU A 391 -2.46 -0.59 16.01
C LEU A 391 -3.45 -1.04 14.94
N LYS A 392 -4.47 -0.25 14.64
CA LYS A 392 -5.21 -0.47 13.41
CA LYS A 392 -5.24 -0.43 13.41
C LYS A 392 -4.43 0.08 12.22
N HIS A 393 -3.51 1.00 12.46
CA HIS A 393 -2.72 1.63 11.39
C HIS A 393 -1.30 1.11 11.26
N ILE A 394 -0.67 0.71 12.36
CA ILE A 394 0.72 0.29 12.39
C ILE A 394 0.80 -1.20 12.68
N LEU A 395 1.56 -1.90 11.86
CA LEU A 395 1.99 -3.27 12.04
C LEU A 395 3.49 -3.28 12.28
N PHE A 396 3.96 -4.10 13.23
CA PHE A 396 5.40 -4.20 13.49
C PHE A 396 5.94 -5.44 12.79
N ASP A 397 6.66 -5.20 11.70
CA ASP A 397 7.05 -6.20 10.70
C ASP A 397 8.43 -6.73 11.02
N GLU A 398 8.55 -8.05 11.14
CA GLU A 398 9.82 -8.69 11.48
C GLU A 398 10.89 -8.48 10.40
N VAL A 399 12.05 -7.97 10.83
CA VAL A 399 13.21 -7.89 9.94
C VAL A 399 13.82 -9.28 9.77
N VAL A 400 13.95 -9.73 8.51
CA VAL A 400 14.57 -11.01 8.24
C VAL A 400 16.03 -10.91 7.80
N GLU A 401 16.46 -9.78 7.26
CA GLU A 401 17.82 -9.68 6.79
C GLU A 401 18.24 -8.23 6.77
N VAL A 402 19.49 -7.96 7.12
CA VAL A 402 20.08 -6.64 7.00
CA VAL A 402 20.07 -6.63 6.98
C VAL A 402 21.44 -6.80 6.35
N LYS A 403 21.77 -5.88 5.44
CA LYS A 403 23.03 -5.99 4.74
C LYS A 403 23.59 -4.59 4.54
N TYR A 404 24.86 -4.42 4.84
CA TYR A 404 25.54 -3.19 4.45
C TYR A 404 26.01 -3.29 3.01
N ILE A 405 25.78 -2.24 2.22
CA ILE A 405 26.18 -2.24 0.82
C ILE A 405 27.23 -1.15 0.63
N PRO A 406 28.46 -1.50 0.33
CA PRO A 406 29.55 -0.51 0.29
C PRO A 406 29.73 0.14 -1.08
N GLU A 407 28.62 0.55 -1.69
CA GLU A 407 28.62 1.20 -2.99
C GLU A 407 28.06 2.60 -2.83
N PRO A 408 28.78 3.65 -3.21
CA PRO A 408 28.24 5.00 -3.04
C PRO A 408 27.14 5.30 -4.02
N GLN A 409 26.24 6.20 -3.61
CA GLN A 409 25.13 6.57 -4.50
C GLN A 409 24.48 7.86 -4.02
N GLU A 410 23.69 8.45 -4.91
CA GLU A 410 22.81 9.56 -4.55
C GLU A 410 21.62 9.02 -3.76
N VAL A 411 21.15 9.85 -2.83
CA VAL A 411 20.09 9.51 -1.88
C VAL A 411 19.21 10.74 -1.71
N TYR A 412 17.99 10.53 -1.20
CA TYR A 412 16.97 11.56 -1.19
C TYR A 412 16.19 11.54 0.11
N ASP A 413 15.62 12.68 0.47
CA ASP A 413 14.72 12.71 1.62
C ASP A 413 13.75 13.86 1.48
N ILE A 414 12.71 13.86 2.34
CA ILE A 414 11.79 14.98 2.35
C ILE A 414 11.56 15.38 3.78
N THR A 415 11.16 16.64 3.98
CA THR A 415 10.90 17.19 5.30
C THR A 415 9.40 17.32 5.52
N THR A 416 8.89 16.77 6.64
CA THR A 416 7.51 16.93 7.08
C THR A 416 7.43 17.29 8.55
N GLU A 417 6.30 17.92 8.93
CA GLU A 417 6.08 18.34 10.32
C GLU A 417 6.05 17.16 11.29
N THR A 418 5.63 16.00 10.81
CA THR A 418 5.55 14.86 11.70
C THR A 418 6.89 14.18 11.92
N HIS A 419 7.92 14.58 11.16
CA HIS A 419 9.20 13.87 11.12
C HIS A 419 9.02 12.43 10.68
N ASN A 420 8.01 12.17 9.83
CA ASN A 420 7.86 10.85 9.25
C ASN A 420 7.06 10.99 7.97
N PHE A 421 7.18 9.99 7.12
CA PHE A 421 6.35 9.95 5.92
C PHE A 421 6.19 8.49 5.52
N VAL A 422 5.21 8.21 4.66
CA VAL A 422 4.90 6.84 4.27
C VAL A 422 5.56 6.56 2.92
N GLY A 423 6.44 5.58 2.89
CA GLY A 423 7.04 5.19 1.63
C GLY A 423 7.57 3.77 1.70
N GLY A 424 8.27 3.36 0.66
CA GLY A 424 8.77 2.01 0.55
C GLY A 424 7.96 1.16 -0.42
N ASN A 425 8.47 -0.02 -0.76
CA ASN A 425 7.80 -0.78 -1.82
C ASN A 425 6.42 -1.25 -1.36
N MET A 426 6.24 -1.48 -0.08
CA MET A 426 4.92 -1.50 0.54
C MET A 426 4.96 -0.48 1.68
N PRO A 427 3.80 0.04 2.11
CA PRO A 427 3.77 1.25 2.97
C PRO A 427 4.56 1.09 4.27
N THR A 428 5.54 1.96 4.48
CA THR A 428 6.44 1.83 5.63
C THR A 428 6.60 3.21 6.26
N LEU A 429 6.72 3.28 7.59
CA LEU A 429 6.96 4.57 8.25
C LEU A 429 8.45 4.91 8.20
N LEU A 430 8.79 5.96 7.46
CA LEU A 430 10.16 6.42 7.31
C LEU A 430 10.36 7.71 8.08
N HIS A 431 11.48 7.81 8.78
CA HIS A 431 11.75 9.02 9.56
C HIS A 431 12.34 10.11 8.67
N ASN A 432 12.10 11.37 9.05
CA ASN A 432 12.90 12.46 8.49
C ASN A 432 13.12 13.49 9.60
#